data_5H7K
#
_entry.id   5H7K
#
_cell.length_a   50.159
_cell.length_b   85.560
_cell.length_c   114.422
_cell.angle_alpha   90.00
_cell.angle_beta   90.00
_cell.angle_gamma   90.00
#
_symmetry.space_group_name_H-M   'P 21 21 21'
#
loop_
_entity.id
_entity.type
_entity.pdbx_description
1 polymer 'Elongation factor 2'
2 non-polymer "GUANOSINE-5'-DIPHOSPHATE"
3 water water
#
_entity_poly.entity_id   1
_entity_poly.type   'polypeptide(L)'
_entity_poly.pdbx_seq_one_letter_code
;MVEMGRREEMIAKIKELMLQPERIRNIGIAAHIDHGKTTLSDNLLAGAGMISEELAGKQLVLDFDEQEQARGITINAANV
SMVHNYEGKDYLINLIDTPGHVDFGGDVTRAMRAIDGVIIVVDAVEGVMPQTETVVRQALREYVKPVLFINKVDRLIREL
KLTPQQMMERFSKIIMDVNRLIQRYAPEEYKKKWMVKVEDGSVAFGSAYYNWALSVPFMKRTGVKFNEIIDLTLKGDNRT
LRQKAPLHVVVLDMVVRHLPSPIEAQKYRIPHLWEGDISSDIGQAMLNCDPKGKMVMVVTKIIIDKHAGEVATGRVWSGT
VKSGQEVYLINTKRKARIQQVGIYMGPERINMEAVPAGNIVAVTGLRDAMAGETVAEEQIEPFEALHYVLEHHHHHH
;
_entity_poly.pdbx_strand_id   A
#
loop_
_chem_comp.id
_chem_comp.type
_chem_comp.name
_chem_comp.formula
GDP RNA linking GUANOSINE-5'-DIPHOSPHATE 'C10 H15 N5 O11 P2'
#
# COMPACT_ATOMS: atom_id res chain seq x y z
N ARG A 6 8.53 -7.08 21.41
CA ARG A 6 9.01 -8.46 21.42
C ARG A 6 8.97 -9.08 20.02
N ARG A 7 10.10 -9.64 19.60
CA ARG A 7 10.25 -10.15 18.24
C ARG A 7 9.44 -11.41 17.98
N GLU A 8 9.51 -12.35 18.91
CA GLU A 8 8.80 -13.62 18.80
C GLU A 8 7.30 -13.39 18.71
N GLU A 9 6.83 -12.42 19.47
CA GLU A 9 5.43 -12.02 19.47
C GLU A 9 5.00 -11.45 18.11
N MET A 10 5.85 -10.61 17.52
CA MET A 10 5.50 -10.01 16.24
C MET A 10 5.55 -11.05 15.11
N ILE A 11 6.52 -11.95 15.16
CA ILE A 11 6.57 -13.04 14.18
C ILE A 11 5.29 -13.88 14.25
N ALA A 12 4.88 -14.25 15.47
CA ALA A 12 3.63 -15.00 15.65
C ALA A 12 2.42 -14.24 15.12
N LYS A 13 2.42 -12.92 15.33
CA LYS A 13 1.34 -12.07 14.86
C LYS A 13 1.27 -12.06 13.33
N ILE A 14 2.42 -11.93 12.68
CA ILE A 14 2.48 -12.00 11.22
C ILE A 14 1.92 -13.32 10.71
N LYS A 15 2.33 -14.43 11.33
CA LYS A 15 1.82 -15.75 10.92
C LYS A 15 0.32 -15.86 11.12
N GLU A 16 -0.17 -15.29 12.22
CA GLU A 16 -1.60 -15.30 12.52
C GLU A 16 -2.38 -14.61 11.40
N LEU A 17 -1.89 -13.44 11.00
CA LEU A 17 -2.65 -12.61 10.08
C LEU A 17 -2.50 -13.04 8.63
N MET A 18 -1.35 -13.62 8.27
CA MET A 18 -1.12 -14.01 6.88
C MET A 18 -2.10 -15.10 6.47
N LEU A 19 -2.64 -15.78 7.47
CA LEU A 19 -3.59 -16.88 7.25
C LEU A 19 -5.02 -16.40 7.10
N GLN A 20 -5.24 -15.09 7.27
CA GLN A 20 -6.59 -14.53 7.20
C GLN A 20 -6.64 -13.38 6.20
N PRO A 21 -6.96 -13.68 4.93
CA PRO A 21 -6.88 -12.71 3.82
C PRO A 21 -7.69 -11.43 4.02
N GLU A 22 -8.74 -11.51 4.83
N GLU A 22 -8.74 -11.48 4.83
CA GLU A 22 -9.56 -10.34 5.12
CA GLU A 22 -9.53 -10.28 5.06
C GLU A 22 -8.79 -9.32 5.93
C GLU A 22 -8.79 -9.30 5.96
N ARG A 23 -7.71 -9.76 6.58
CA ARG A 23 -6.91 -8.88 7.47
C ARG A 23 -5.75 -8.23 6.74
N ILE A 24 -5.55 -8.57 5.47
CA ILE A 24 -4.43 -8.05 4.69
C ILE A 24 -4.84 -6.80 3.90
N ARG A 25 -3.92 -5.84 3.79
CA ARG A 25 -4.08 -4.71 2.89
C ARG A 25 -2.80 -4.53 2.11
N ASN A 26 -2.87 -4.72 0.79
CA ASN A 26 -1.73 -4.50 -0.09
C ASN A 26 -1.85 -3.12 -0.70
N ILE A 27 -0.94 -2.22 -0.31
CA ILE A 27 -1.09 -0.82 -0.70
C ILE A 27 0.19 -0.21 -1.25
N GLY A 28 0.03 0.96 -1.87
CA GLY A 28 1.15 1.80 -2.24
C GLY A 28 0.87 3.23 -1.85
N ILE A 29 1.88 4.06 -1.99
CA ILE A 29 1.77 5.49 -1.70
C ILE A 29 2.35 6.25 -2.89
N ALA A 30 1.63 7.25 -3.38
CA ALA A 30 2.04 7.98 -4.59
C ALA A 30 1.80 9.47 -4.42
N ALA A 31 2.62 10.27 -5.09
CA ALA A 31 2.59 11.72 -4.93
C ALA A 31 3.39 12.45 -6.01
N HIS A 32 2.99 13.67 -6.30
CA HIS A 32 3.83 14.62 -7.01
C HIS A 32 5.14 14.78 -6.24
N ILE A 33 6.24 15.06 -6.95
CA ILE A 33 7.54 15.19 -6.29
C ILE A 33 7.51 16.19 -5.12
N ASP A 34 8.14 15.78 -4.02
CA ASP A 34 8.29 16.55 -2.79
C ASP A 34 7.01 16.71 -1.98
N HIS A 35 5.92 16.09 -2.38
CA HIS A 35 4.69 16.24 -1.61
C HIS A 35 4.67 15.40 -0.33
N GLY A 36 5.47 14.35 -0.26
CA GLY A 36 5.65 13.63 1.00
C GLY A 36 5.52 12.13 0.98
N LYS A 37 5.67 11.50 -0.18
CA LYS A 37 5.59 10.03 -0.28
C LYS A 37 6.57 9.34 0.66
N THR A 38 7.84 9.73 0.63
CA THR A 38 8.84 9.03 1.42
C THR A 38 8.69 9.29 2.91
N THR A 39 8.43 10.55 3.28
CA THR A 39 8.27 10.90 4.69
C THR A 39 7.06 10.18 5.28
N LEU A 40 5.96 10.16 4.54
CA LEU A 40 4.79 9.41 5.02
C LEU A 40 5.13 7.92 5.16
N SER A 41 5.79 7.36 4.14
CA SER A 41 6.10 5.93 4.13
C SER A 41 6.98 5.55 5.33
N ASP A 42 8.07 6.29 5.50
CA ASP A 42 9.01 6.05 6.57
C ASP A 42 8.34 6.20 7.94
N ASN A 43 7.52 7.24 8.09
CA ASN A 43 6.99 7.54 9.41
C ASN A 43 5.77 6.70 9.76
N LEU A 44 5.05 6.17 8.76
CA LEU A 44 4.04 5.15 9.04
C LEU A 44 4.72 3.90 9.58
N LEU A 45 5.80 3.48 8.91
CA LEU A 45 6.50 2.26 9.30
C LEU A 45 7.07 2.40 10.73
N ALA A 46 7.70 3.54 10.99
CA ALA A 46 8.27 3.81 12.30
C ALA A 46 7.16 3.92 13.38
N GLY A 47 6.09 4.63 13.06
CA GLY A 47 5.03 4.87 14.02
C GLY A 47 4.31 3.59 14.41
N ALA A 48 4.22 2.66 13.46
CA ALA A 48 3.58 1.38 13.71
C ALA A 48 4.48 0.46 14.52
N GLY A 49 5.68 0.95 14.83
CA GLY A 49 6.59 0.23 15.71
C GLY A 49 7.31 -0.92 15.03
N MET A 50 7.43 -0.88 13.72
CA MET A 50 7.96 -2.02 12.97
C MET A 50 9.48 -2.02 12.82
N ILE A 51 10.14 -0.95 13.28
CA ILE A 51 11.60 -0.90 13.21
C ILE A 51 12.23 -0.59 14.56
N SER A 52 11.48 -0.84 15.63
CA SER A 52 12.01 -0.70 16.99
C SER A 52 13.16 -1.68 17.20
N GLU A 53 14.04 -1.36 18.14
CA GLU A 53 15.23 -2.18 18.38
C GLU A 53 14.84 -3.58 18.86
N GLU A 54 13.79 -3.66 19.68
CA GLU A 54 13.20 -4.96 20.03
C GLU A 54 12.34 -5.50 18.89
N LEU A 55 12.96 -5.93 17.81
CA LEU A 55 12.22 -6.55 16.72
C LEU A 55 13.17 -7.20 15.74
N ALA A 70 15.44 5.61 10.51
CA ALA A 70 14.08 5.66 9.97
C ALA A 70 14.04 6.32 8.59
N ARG A 71 14.68 7.48 8.45
CA ARG A 71 14.67 8.20 7.18
C ARG A 71 15.31 7.37 6.06
N GLY A 72 14.53 7.15 5.01
CA GLY A 72 15.01 6.47 3.82
C GLY A 72 14.84 4.97 3.84
N ILE A 73 14.36 4.42 4.95
CA ILE A 73 14.24 2.97 5.06
C ILE A 73 13.29 2.38 4.02
N THR A 74 12.28 3.16 3.62
CA THR A 74 11.31 2.67 2.64
C THR A 74 11.69 3.00 1.20
N ILE A 75 12.78 3.74 1.00
CA ILE A 75 13.14 4.14 -0.35
C ILE A 75 13.48 2.92 -1.20
N ASN A 76 12.69 2.71 -2.25
CA ASN A 76 12.86 1.58 -3.17
C ASN A 76 12.81 0.24 -2.45
N ALA A 77 12.18 0.20 -1.29
CA ALA A 77 12.05 -1.06 -0.54
C ALA A 77 10.98 -1.94 -1.18
N ALA A 78 11.32 -3.19 -1.50
CA ALA A 78 10.37 -4.05 -2.22
C ALA A 78 9.02 -4.13 -1.53
N ASN A 79 9.05 -4.29 -0.22
CA ASN A 79 7.85 -4.30 0.63
C ASN A 79 8.27 -3.99 2.07
N VAL A 80 7.42 -3.27 2.79
CA VAL A 80 7.57 -3.19 4.24
C VAL A 80 6.19 -3.44 4.84
N SER A 81 6.11 -4.26 5.89
CA SER A 81 4.80 -4.55 6.46
C SER A 81 4.59 -3.84 7.79
N MET A 82 3.33 -3.57 8.10
CA MET A 82 2.94 -2.95 9.36
C MET A 82 1.76 -3.68 9.94
N VAL A 83 1.80 -3.96 11.25
CA VAL A 83 0.65 -4.53 11.93
C VAL A 83 -0.10 -3.38 12.58
N HIS A 84 -1.39 -3.30 12.30
CA HIS A 84 -2.20 -2.20 12.81
C HIS A 84 -3.50 -2.71 13.41
N ASN A 85 -3.78 -2.27 14.65
CA ASN A 85 -5.02 -2.60 15.32
C ASN A 85 -6.12 -1.61 14.98
N TYR A 86 -7.28 -2.11 14.56
CA TYR A 86 -8.41 -1.27 14.21
C TYR A 86 -9.68 -1.92 14.71
N GLU A 87 -10.37 -1.23 15.62
CA GLU A 87 -11.64 -1.70 16.16
C GLU A 87 -11.57 -3.15 16.62
N GLY A 88 -10.54 -3.47 17.38
CA GLY A 88 -10.44 -4.75 18.05
C GLY A 88 -9.88 -5.90 17.23
N LYS A 89 -9.42 -5.60 16.01
CA LYS A 89 -8.81 -6.62 15.16
C LYS A 89 -7.48 -6.11 14.62
N ASP A 90 -6.51 -7.01 14.49
CA ASP A 90 -5.23 -6.64 13.89
C ASP A 90 -5.23 -6.89 12.39
N TYR A 91 -4.55 -6.00 11.67
CA TYR A 91 -4.46 -6.06 10.22
C TYR A 91 -3.00 -6.06 9.79
N LEU A 92 -2.73 -6.71 8.68
CA LEU A 92 -1.39 -6.80 8.12
C LEU A 92 -1.34 -5.96 6.85
N ILE A 93 -0.61 -4.85 6.93
CA ILE A 93 -0.57 -3.89 5.84
C ILE A 93 0.78 -3.97 5.13
N ASN A 94 0.75 -4.34 3.86
CA ASN A 94 1.95 -4.42 3.04
C ASN A 94 2.11 -3.15 2.21
N LEU A 95 3.11 -2.33 2.55
CA LEU A 95 3.42 -1.13 1.78
C LEU A 95 4.45 -1.53 0.72
N ILE A 96 3.95 -1.75 -0.48
CA ILE A 96 4.72 -2.29 -1.61
C ILE A 96 5.43 -1.16 -2.37
N ASP A 97 6.64 -1.42 -2.84
CA ASP A 97 7.38 -0.42 -3.64
C ASP A 97 6.58 0.08 -4.84
N THR A 98 6.48 1.40 -4.97
CA THR A 98 5.98 2.00 -6.19
C THR A 98 7.05 3.03 -6.59
N PRO A 99 7.36 3.13 -7.89
CA PRO A 99 8.44 4.03 -8.32
C PRO A 99 8.11 5.49 -8.07
N GLY A 100 9.04 6.23 -7.48
CA GLY A 100 8.80 7.62 -7.18
C GLY A 100 9.52 8.52 -8.16
N HIS A 101 8.99 9.73 -8.33
CA HIS A 101 9.64 10.79 -9.09
C HIS A 101 9.84 10.47 -10.58
N VAL A 102 9.00 9.60 -11.13
CA VAL A 102 9.05 9.33 -12.55
C VAL A 102 7.69 9.54 -13.18
N ASP A 103 7.66 9.97 -14.44
CA ASP A 103 6.41 10.30 -15.08
C ASP A 103 5.58 9.07 -15.38
N PHE A 104 6.18 8.11 -16.07
CA PHE A 104 5.51 6.86 -16.42
C PHE A 104 6.57 5.81 -16.74
N GLY A 105 6.13 4.58 -16.94
CA GLY A 105 7.04 3.52 -17.32
C GLY A 105 6.52 2.15 -16.94
N GLY A 106 7.19 1.11 -17.44
CA GLY A 106 6.80 -0.25 -17.16
C GLY A 106 6.84 -0.57 -15.68
N ASP A 107 7.79 0.03 -14.97
CA ASP A 107 7.93 -0.14 -13.53
C ASP A 107 6.73 0.41 -12.79
N VAL A 108 6.25 1.57 -13.24
CA VAL A 108 5.09 2.18 -12.62
C VAL A 108 3.85 1.29 -12.81
N THR A 109 3.60 0.89 -14.05
CA THR A 109 2.46 0.05 -14.38
C THR A 109 2.49 -1.25 -13.58
N ARG A 110 3.66 -1.85 -13.49
CA ARG A 110 3.82 -3.11 -12.80
C ARG A 110 3.50 -2.99 -11.32
N ALA A 111 3.92 -1.87 -10.72
CA ALA A 111 3.72 -1.67 -9.29
C ALA A 111 2.25 -1.39 -9.00
N MET A 112 1.61 -0.65 -9.90
CA MET A 112 0.17 -0.42 -9.76
C MET A 112 -0.59 -1.74 -9.81
N ARG A 113 -0.12 -2.65 -10.63
CA ARG A 113 -0.81 -3.92 -10.76
C ARG A 113 -0.66 -4.77 -9.49
N ALA A 114 0.39 -4.51 -8.70
CA ALA A 114 0.64 -5.27 -7.47
C ALA A 114 -0.14 -4.78 -6.25
N ILE A 115 -0.67 -3.57 -6.29
CA ILE A 115 -1.35 -3.00 -5.13
C ILE A 115 -2.85 -2.91 -5.34
N ASP A 116 -3.62 -3.07 -4.26
CA ASP A 116 -5.08 -2.98 -4.35
C ASP A 116 -5.59 -1.62 -3.93
N GLY A 117 -4.76 -0.87 -3.22
CA GLY A 117 -5.16 0.44 -2.70
C GLY A 117 -3.96 1.37 -2.70
N VAL A 118 -4.24 2.67 -2.80
CA VAL A 118 -3.16 3.63 -2.82
C VAL A 118 -3.49 4.83 -1.95
N ILE A 119 -2.51 5.30 -1.18
CA ILE A 119 -2.64 6.60 -0.51
C ILE A 119 -2.07 7.65 -1.43
N ILE A 120 -2.94 8.51 -1.95
CA ILE A 120 -2.53 9.64 -2.74
C ILE A 120 -2.18 10.78 -1.78
N VAL A 121 -0.93 11.21 -1.81
CA VAL A 121 -0.46 12.29 -0.93
C VAL A 121 -0.48 13.58 -1.73
N VAL A 122 -1.15 14.59 -1.19
CA VAL A 122 -1.16 15.93 -1.80
C VAL A 122 -0.68 16.96 -0.82
N ASP A 123 0.33 17.72 -1.23
CA ASP A 123 0.82 18.85 -0.45
C ASP A 123 -0.28 19.90 -0.28
N ALA A 124 -0.55 20.30 0.96
CA ALA A 124 -1.55 21.32 1.26
C ALA A 124 -1.21 22.67 0.65
N VAL A 125 0.08 22.93 0.45
CA VAL A 125 0.51 24.21 -0.10
C VAL A 125 0.33 24.25 -1.62
N GLU A 126 0.97 23.34 -2.34
CA GLU A 126 0.83 23.33 -3.79
C GLU A 126 -0.53 22.84 -4.27
N GLY A 127 -1.14 21.94 -3.51
CA GLY A 127 -2.36 21.32 -3.97
C GLY A 127 -2.12 20.27 -5.03
N VAL A 128 -3.20 19.88 -5.70
CA VAL A 128 -3.14 18.87 -6.76
C VAL A 128 -2.34 19.41 -7.94
N MET A 129 -1.27 18.70 -8.29
CA MET A 129 -0.35 19.11 -9.34
C MET A 129 -0.41 18.14 -10.52
N PRO A 130 0.23 18.48 -11.65
CA PRO A 130 0.13 17.57 -12.79
C PRO A 130 0.57 16.11 -12.52
N GLN A 131 1.64 15.89 -11.76
N GLN A 131 1.64 15.91 -11.76
CA GLN A 131 2.04 14.51 -11.47
CA GLN A 131 2.09 14.56 -11.42
C GLN A 131 1.07 13.84 -10.52
C GLN A 131 1.07 13.86 -10.53
N THR A 132 0.34 14.64 -9.73
CA THR A 132 -0.74 14.09 -8.91
C THR A 132 -1.78 13.48 -9.81
N GLU A 133 -2.16 14.24 -10.84
N GLU A 133 -2.15 14.23 -10.84
CA GLU A 133 -3.12 13.75 -11.82
CA GLU A 133 -3.13 13.75 -11.80
C GLU A 133 -2.61 12.47 -12.46
C GLU A 133 -2.62 12.49 -12.48
N THR A 134 -1.34 12.48 -12.84
CA THR A 134 -0.75 11.32 -13.48
C THR A 134 -0.79 10.08 -12.59
N VAL A 135 -0.41 10.19 -11.31
CA VAL A 135 -0.41 8.99 -10.46
C VAL A 135 -1.82 8.50 -10.14
N VAL A 136 -2.78 9.42 -10.04
CA VAL A 136 -4.17 9.03 -9.79
C VAL A 136 -4.68 8.25 -11.00
N ARG A 137 -4.41 8.77 -12.21
CA ARG A 137 -4.73 8.08 -13.47
C ARG A 137 -4.14 6.68 -13.50
N GLN A 138 -2.86 6.60 -13.18
CA GLN A 138 -2.14 5.34 -13.30
C GLN A 138 -2.67 4.29 -12.33
N ALA A 139 -3.04 4.73 -11.11
CA ALA A 139 -3.61 3.83 -10.13
C ALA A 139 -5.00 3.35 -10.57
N LEU A 140 -5.85 4.32 -10.92
CA LEU A 140 -7.23 4.00 -11.27
C LEU A 140 -7.30 3.09 -12.50
N ARG A 141 -6.35 3.26 -13.42
CA ARG A 141 -6.33 2.45 -14.65
C ARG A 141 -6.21 0.96 -14.32
N GLU A 142 -5.57 0.65 -13.19
CA GLU A 142 -5.42 -0.75 -12.79
C GLU A 142 -6.36 -1.15 -11.64
N TYR A 143 -7.50 -0.45 -11.53
CA TYR A 143 -8.49 -0.74 -10.49
C TYR A 143 -7.88 -0.67 -9.10
N VAL A 144 -7.04 0.33 -8.86
CA VAL A 144 -6.47 0.55 -7.53
C VAL A 144 -7.32 1.62 -6.84
N LYS A 145 -7.91 1.26 -5.70
CA LYS A 145 -8.76 2.21 -4.99
C LYS A 145 -7.95 3.24 -4.19
N PRO A 146 -8.31 4.53 -4.31
CA PRO A 146 -7.55 5.58 -3.63
C PRO A 146 -8.14 6.05 -2.31
N VAL A 147 -7.27 6.44 -1.38
CA VAL A 147 -7.67 7.36 -0.31
C VAL A 147 -6.73 8.57 -0.40
N LEU A 148 -7.12 9.67 0.25
CA LEU A 148 -6.37 10.91 0.12
C LEU A 148 -5.74 11.32 1.46
N PHE A 149 -4.44 11.62 1.46
CA PHE A 149 -3.81 12.25 2.63
C PHE A 149 -3.28 13.61 2.24
N ILE A 150 -3.80 14.65 2.88
CA ILE A 150 -3.34 16.01 2.63
C ILE A 150 -2.22 16.31 3.60
N ASN A 151 -1.02 16.53 3.06
CA ASN A 151 0.20 16.66 3.85
C ASN A 151 0.66 18.12 4.05
N LYS A 152 1.62 18.30 4.96
CA LYS A 152 2.27 19.59 5.21
C LYS A 152 1.32 20.63 5.77
N VAL A 153 0.33 20.20 6.55
CA VAL A 153 -0.63 21.15 7.10
C VAL A 153 0.06 22.06 8.12
N ASP A 154 1.19 21.59 8.66
CA ASP A 154 2.02 22.44 9.52
C ASP A 154 2.41 23.73 8.81
N ARG A 155 2.63 23.66 7.50
CA ARG A 155 2.99 24.86 6.75
C ARG A 155 1.81 25.84 6.60
N LEU A 156 0.59 25.32 6.51
CA LEU A 156 -0.56 26.23 6.48
C LEU A 156 -0.67 26.96 7.80
N ILE A 157 -0.38 26.25 8.89
CA ILE A 157 -0.54 26.82 10.22
C ILE A 157 0.55 27.84 10.53
N ARG A 158 1.81 27.46 10.32
CA ARG A 158 2.94 28.22 10.82
C ARG A 158 3.49 29.22 9.83
N GLU A 159 3.54 28.79 8.58
N GLU A 159 3.53 28.82 8.56
CA GLU A 159 4.13 29.55 7.50
CA GLU A 159 4.15 29.66 7.56
C GLU A 159 3.12 30.55 6.92
C GLU A 159 3.13 30.57 6.89
N LEU A 160 2.01 30.02 6.42
CA LEU A 160 0.97 30.84 5.80
C LEU A 160 0.02 31.46 6.82
N LYS A 161 0.05 30.94 8.05
CA LYS A 161 -0.79 31.41 9.15
C LYS A 161 -2.28 31.50 8.78
N LEU A 162 -2.77 30.47 8.09
CA LEU A 162 -4.17 30.45 7.70
C LEU A 162 -5.10 30.18 8.87
N THR A 163 -6.32 30.72 8.78
CA THR A 163 -7.35 30.43 9.77
C THR A 163 -7.86 29.01 9.58
N PRO A 164 -8.50 28.45 10.62
CA PRO A 164 -9.13 27.13 10.47
C PRO A 164 -10.09 27.07 9.27
N GLN A 165 -10.88 28.12 9.08
CA GLN A 165 -11.81 28.14 7.95
C GLN A 165 -11.07 28.15 6.63
N GLN A 166 -9.98 28.92 6.56
CA GLN A 166 -9.18 28.99 5.35
C GLN A 166 -8.54 27.64 5.03
N MET A 167 -8.12 26.92 6.07
CA MET A 167 -7.53 25.59 5.86
C MET A 167 -8.57 24.59 5.41
N MET A 168 -9.74 24.60 6.03
CA MET A 168 -10.79 23.68 5.59
C MET A 168 -11.21 23.98 4.14
N GLU A 169 -11.23 25.26 3.76
N GLU A 169 -11.24 25.26 3.75
CA GLU A 169 -11.56 25.64 2.39
CA GLU A 169 -11.58 25.57 2.36
C GLU A 169 -10.49 25.15 1.41
C GLU A 169 -10.49 25.09 1.42
N ARG A 170 -9.24 25.21 1.85
CA ARG A 170 -8.12 24.71 1.06
C ARG A 170 -8.26 23.19 0.88
N PHE A 171 -8.60 22.48 1.95
CA PHE A 171 -8.81 21.03 1.86
C PHE A 171 -9.96 20.70 0.90
N SER A 172 -11.04 21.48 0.99
CA SER A 172 -12.19 21.26 0.12
C SER A 172 -11.83 21.34 -1.34
N LYS A 173 -11.01 22.32 -1.69
CA LYS A 173 -10.58 22.51 -3.07
C LYS A 173 -9.73 21.33 -3.55
N ILE A 174 -8.79 20.89 -2.71
CA ILE A 174 -7.99 19.73 -3.05
C ILE A 174 -8.87 18.49 -3.25
N ILE A 175 -9.84 18.31 -2.36
CA ILE A 175 -10.72 17.14 -2.42
C ILE A 175 -11.54 17.17 -3.72
N MET A 176 -12.03 18.36 -4.08
N MET A 176 -12.03 18.36 -4.06
CA MET A 176 -12.82 18.49 -5.30
CA MET A 176 -12.80 18.53 -5.29
C MET A 176 -11.97 18.18 -6.53
C MET A 176 -11.97 18.17 -6.51
N ASP A 177 -10.71 18.62 -6.52
CA ASP A 177 -9.80 18.35 -7.63
C ASP A 177 -9.52 16.87 -7.74
N VAL A 178 -9.29 16.22 -6.60
CA VAL A 178 -9.05 14.78 -6.61
C VAL A 178 -10.28 14.02 -7.11
N ASN A 179 -11.46 14.40 -6.65
CA ASN A 179 -12.68 13.70 -7.05
C ASN A 179 -13.01 13.95 -8.53
N ARG A 180 -12.56 15.08 -9.07
CA ARG A 180 -12.75 15.33 -10.49
C ARG A 180 -11.95 14.29 -11.29
N LEU A 181 -10.74 14.01 -10.81
CA LEU A 181 -9.89 12.99 -11.42
C LEU A 181 -10.50 11.59 -11.28
N ILE A 182 -11.08 11.31 -10.12
CA ILE A 182 -11.67 9.98 -9.90
C ILE A 182 -12.87 9.79 -10.81
N GLN A 183 -13.72 10.82 -10.90
N GLN A 183 -13.70 10.82 -10.92
CA GLN A 183 -14.86 10.77 -11.79
CA GLN A 183 -14.87 10.75 -11.78
C GLN A 183 -14.43 10.52 -13.23
C GLN A 183 -14.48 10.60 -13.25
N ARG A 184 -13.32 11.13 -13.63
CA ARG A 184 -12.88 11.08 -15.01
C ARG A 184 -12.10 9.79 -15.34
N TYR A 185 -11.35 9.27 -14.38
CA TYR A 185 -10.42 8.17 -14.67
C TYR A 185 -10.71 6.84 -14.02
N ALA A 186 -11.60 6.79 -13.05
CA ALA A 186 -11.89 5.51 -12.42
C ALA A 186 -12.61 4.62 -13.43
N PRO A 187 -12.42 3.31 -13.31
CA PRO A 187 -13.26 2.41 -14.08
C PRO A 187 -14.73 2.78 -13.88
N GLU A 188 -15.52 2.64 -14.95
CA GLU A 188 -16.93 3.04 -14.95
C GLU A 188 -17.70 2.72 -13.68
N GLU A 189 -17.57 1.49 -13.19
CA GLU A 189 -18.31 1.04 -12.00
C GLU A 189 -17.96 1.80 -10.71
N TYR A 190 -16.82 2.46 -10.71
CA TYR A 190 -16.31 3.06 -9.48
C TYR A 190 -16.17 4.58 -9.55
N LYS A 191 -16.64 5.17 -10.64
CA LYS A 191 -16.56 6.62 -10.81
C LYS A 191 -17.25 7.39 -9.67
N LYS A 192 -18.29 6.82 -9.09
CA LYS A 192 -18.91 7.46 -7.94
C LYS A 192 -18.46 6.83 -6.62
N LYS A 193 -18.41 5.50 -6.58
CA LYS A 193 -18.08 4.78 -5.36
C LYS A 193 -16.71 5.13 -4.78
N TRP A 194 -15.75 5.43 -5.65
CA TRP A 194 -14.38 5.65 -5.18
C TRP A 194 -14.05 7.11 -4.90
N MET A 195 -15.07 7.98 -4.99
CA MET A 195 -14.83 9.36 -4.62
C MET A 195 -14.48 9.42 -3.14
N VAL A 196 -13.63 10.37 -2.76
CA VAL A 196 -13.17 10.49 -1.38
C VAL A 196 -13.91 11.63 -0.71
N LYS A 197 -14.08 11.53 0.62
CA LYS A 197 -14.86 12.51 1.37
C LYS A 197 -14.27 12.65 2.75
N VAL A 198 -14.28 13.85 3.30
CA VAL A 198 -13.83 14.00 4.67
C VAL A 198 -14.76 13.30 5.65
N GLU A 199 -16.06 13.31 5.40
N GLU A 199 -16.05 13.31 5.35
CA GLU A 199 -17.01 12.84 6.41
CA GLU A 199 -17.09 12.84 6.27
C GLU A 199 -16.84 11.36 6.77
C GLU A 199 -16.94 11.39 6.71
N ASP A 200 -16.48 10.52 5.82
CA ASP A 200 -16.35 9.10 6.14
C ASP A 200 -14.91 8.68 6.36
N GLY A 201 -14.00 9.64 6.36
CA GLY A 201 -12.62 9.35 6.67
C GLY A 201 -11.85 8.72 5.53
N SER A 202 -12.29 8.92 4.29
CA SER A 202 -11.48 8.51 3.16
C SER A 202 -10.58 9.65 2.72
N VAL A 203 -10.63 10.75 3.46
CA VAL A 203 -9.62 11.80 3.42
C VAL A 203 -9.08 12.02 4.84
N ALA A 204 -7.76 12.14 4.98
CA ALA A 204 -7.15 12.58 6.22
C ALA A 204 -6.20 13.72 5.91
N PHE A 205 -5.90 14.54 6.91
CA PHE A 205 -4.98 15.64 6.71
C PHE A 205 -4.02 15.72 7.89
N GLY A 206 -2.83 16.27 7.65
CA GLY A 206 -1.86 16.34 8.73
C GLY A 206 -0.47 16.69 8.25
N SER A 207 0.50 16.24 9.01
CA SER A 207 1.90 16.46 8.70
C SER A 207 2.67 15.16 8.90
N ALA A 208 3.12 14.57 7.80
CA ALA A 208 3.96 13.39 7.90
C ALA A 208 5.23 13.69 8.69
N TYR A 209 5.81 14.87 8.46
CA TYR A 209 7.07 15.23 9.11
C TYR A 209 6.94 15.33 10.63
N TYR A 210 5.81 15.88 11.08
CA TYR A 210 5.59 16.07 12.50
C TYR A 210 4.69 14.99 13.08
N ASN A 211 4.51 13.91 12.31
CA ASN A 211 3.92 12.67 12.83
C ASN A 211 2.51 12.80 13.40
N TRP A 212 1.70 13.69 12.83
CA TRP A 212 0.30 13.79 13.21
C TRP A 212 -0.64 13.81 12.03
N ALA A 213 -1.88 13.39 12.26
CA ALA A 213 -2.92 13.53 11.27
C ALA A 213 -4.27 13.57 11.96
N LEU A 214 -5.27 14.08 11.25
CA LEU A 214 -6.63 14.06 11.73
C LEU A 214 -7.57 13.52 10.66
N SER A 215 -8.68 12.96 11.09
CA SER A 215 -9.78 12.60 10.21
C SER A 215 -11.06 12.74 11.00
N VAL A 216 -12.19 12.85 10.30
CA VAL A 216 -13.47 12.93 11.00
C VAL A 216 -13.70 11.68 11.89
N PRO A 217 -13.49 10.45 11.38
CA PRO A 217 -13.69 9.32 12.30
C PRO A 217 -12.77 9.33 13.52
N PHE A 218 -11.53 9.77 13.37
CA PHE A 218 -10.64 9.82 14.53
C PHE A 218 -11.13 10.86 15.53
N MET A 219 -11.52 12.04 15.04
CA MET A 219 -12.00 13.11 15.90
C MET A 219 -13.29 12.71 16.59
N LYS A 220 -14.16 11.97 15.91
CA LYS A 220 -15.38 11.47 16.56
C LYS A 220 -15.06 10.50 17.68
N ARG A 221 -14.12 9.60 17.42
CA ARG A 221 -13.75 8.57 18.39
C ARG A 221 -13.12 9.18 19.66
N THR A 222 -12.25 10.16 19.47
CA THR A 222 -11.46 10.71 20.57
C THR A 222 -11.93 12.04 21.15
N GLY A 223 -12.65 12.83 20.37
CA GLY A 223 -13.02 14.17 20.79
C GLY A 223 -11.96 15.20 20.44
N VAL A 224 -10.80 14.75 19.95
CA VAL A 224 -9.73 15.68 19.54
C VAL A 224 -10.24 16.62 18.44
N LYS A 225 -9.86 17.90 18.55
N LYS A 225 -9.84 17.90 18.55
CA LYS A 225 -10.26 18.91 17.58
CA LYS A 225 -10.23 18.93 17.61
C LYS A 225 -9.05 19.54 16.89
C LYS A 225 -9.03 19.53 16.89
N PHE A 226 -9.26 19.99 15.66
CA PHE A 226 -8.21 20.64 14.87
C PHE A 226 -7.57 21.80 15.66
N ASN A 227 -8.38 22.57 16.38
CA ASN A 227 -7.81 23.69 17.12
C ASN A 227 -6.80 23.28 18.17
N GLU A 228 -6.94 22.08 18.72
CA GLU A 228 -5.96 21.59 19.68
C GLU A 228 -4.62 21.36 18.99
N ILE A 229 -4.68 20.81 17.78
CA ILE A 229 -3.50 20.55 16.98
C ILE A 229 -2.84 21.86 16.55
N ILE A 230 -3.66 22.85 16.20
CA ILE A 230 -3.15 24.16 15.82
C ILE A 230 -2.43 24.80 17.00
N ASP A 231 -3.04 24.70 18.18
CA ASP A 231 -2.46 25.28 19.39
C ASP A 231 -1.11 24.64 19.72
N LEU A 232 -1.05 23.31 19.72
CA LEU A 232 0.20 22.61 19.99
C LEU A 232 1.26 22.94 18.94
N THR A 233 0.82 23.08 17.70
CA THR A 233 1.74 23.41 16.61
C THR A 233 2.41 24.77 16.83
N LEU A 234 1.60 25.77 17.16
CA LEU A 234 2.11 27.12 17.36
C LEU A 234 2.97 27.21 18.63
N LYS A 235 2.65 26.38 19.62
CA LYS A 235 3.46 26.29 20.84
C LYS A 235 4.76 25.54 20.64
N GLY A 236 4.85 24.75 19.56
CA GLY A 236 6.04 23.96 19.31
C GLY A 236 6.14 22.69 20.16
N ASP A 237 5.01 22.27 20.73
CA ASP A 237 4.99 21.06 21.55
C ASP A 237 4.77 19.85 20.65
N ASN A 238 5.84 19.46 19.98
CA ASN A 238 5.73 18.46 18.94
C ASN A 238 5.56 17.05 19.52
N ARG A 239 6.03 16.82 20.74
CA ARG A 239 5.83 15.52 21.37
C ARG A 239 4.35 15.27 21.69
N THR A 240 3.71 16.25 22.31
CA THR A 240 2.28 16.12 22.63
C THR A 240 1.46 16.02 21.34
N LEU A 241 1.85 16.81 20.36
CA LEU A 241 1.20 16.84 19.06
C LEU A 241 1.11 15.45 18.43
N ARG A 242 2.24 14.76 18.34
CA ARG A 242 2.24 13.47 17.66
C ARG A 242 1.62 12.36 18.51
N GLN A 243 1.50 12.57 19.81
CA GLN A 243 0.86 11.58 20.68
C GLN A 243 -0.66 11.80 20.71
N LYS A 244 -1.07 13.05 20.56
CA LYS A 244 -2.49 13.37 20.63
C LYS A 244 -3.23 12.95 19.36
N ALA A 245 -2.55 13.06 18.22
CA ALA A 245 -3.17 12.74 16.94
C ALA A 245 -2.19 11.97 16.07
N PRO A 246 -1.88 10.71 16.44
CA PRO A 246 -0.77 10.02 15.79
C PRO A 246 -1.00 9.76 14.30
N LEU A 247 -0.01 10.13 13.49
CA LEU A 247 -0.03 9.92 12.05
C LEU A 247 -0.39 8.47 11.73
N HIS A 248 0.28 7.51 12.38
CA HIS A 248 0.12 6.12 11.97
C HIS A 248 -1.25 5.59 12.37
N VAL A 249 -1.81 6.09 13.46
CA VAL A 249 -3.14 5.65 13.86
C VAL A 249 -4.18 6.16 12.86
N VAL A 250 -4.15 7.46 12.59
CA VAL A 250 -5.17 8.05 11.74
C VAL A 250 -5.08 7.55 10.30
N VAL A 251 -3.86 7.47 9.77
CA VAL A 251 -3.73 7.07 8.38
C VAL A 251 -3.93 5.58 8.20
N LEU A 252 -3.43 4.75 9.13
CA LEU A 252 -3.62 3.31 8.94
C LEU A 252 -5.07 2.90 9.25
N ASP A 253 -5.75 3.65 10.13
CA ASP A 253 -7.21 3.46 10.30
C ASP A 253 -7.93 3.65 8.97
N MET A 254 -7.53 4.69 8.24
CA MET A 254 -8.12 5.00 6.95
C MET A 254 -7.83 3.88 5.92
N VAL A 255 -6.60 3.35 5.95
CA VAL A 255 -6.23 2.22 5.10
C VAL A 255 -7.12 1.01 5.38
N VAL A 256 -7.27 0.67 6.66
CA VAL A 256 -8.02 -0.54 6.98
C VAL A 256 -9.49 -0.38 6.59
N ARG A 257 -10.09 0.77 6.92
CA ARG A 257 -11.51 0.97 6.68
C ARG A 257 -11.83 1.07 5.19
N HIS A 258 -10.99 1.77 4.43
CA HIS A 258 -11.37 2.15 3.07
C HIS A 258 -10.62 1.48 1.94
N LEU A 259 -9.45 0.92 2.19
CA LEU A 259 -8.77 0.17 1.13
C LEU A 259 -9.12 -1.31 1.26
N PRO A 260 -9.20 -2.02 0.12
CA PRO A 260 -9.69 -3.40 0.14
C PRO A 260 -8.66 -4.45 0.54
N SER A 261 -9.16 -5.55 1.10
CA SER A 261 -8.38 -6.76 1.30
C SER A 261 -8.12 -7.37 -0.08
N PRO A 262 -7.13 -8.27 -0.18
CA PRO A 262 -6.89 -8.93 -1.46
C PRO A 262 -8.06 -9.79 -1.91
N ILE A 263 -8.77 -10.40 -0.97
CA ILE A 263 -9.88 -11.22 -1.38
C ILE A 263 -11.03 -10.34 -1.91
N GLU A 264 -11.28 -9.19 -1.29
CA GLU A 264 -12.26 -8.26 -1.87
C GLU A 264 -11.80 -7.76 -3.24
N ALA A 265 -10.54 -7.35 -3.33
CA ALA A 265 -10.08 -6.68 -4.55
C ALA A 265 -9.97 -7.60 -5.74
N GLN A 266 -9.54 -8.84 -5.52
CA GLN A 266 -9.26 -9.70 -6.67
C GLN A 266 -10.53 -10.04 -7.45
N LYS A 267 -11.68 -9.97 -6.79
CA LYS A 267 -12.95 -10.27 -7.46
C LYS A 267 -13.23 -9.30 -8.61
N TYR A 268 -12.71 -8.08 -8.53
CA TYR A 268 -12.90 -7.17 -9.66
C TYR A 268 -11.59 -6.81 -10.37
N ARG A 269 -10.44 -7.02 -9.72
CA ARG A 269 -9.17 -6.67 -10.35
C ARG A 269 -8.65 -7.73 -11.34
N ILE A 270 -8.89 -9.01 -11.06
CA ILE A 270 -8.23 -10.05 -11.83
C ILE A 270 -8.66 -10.10 -13.31
N PRO A 271 -9.96 -9.90 -13.62
CA PRO A 271 -10.25 -9.88 -15.07
C PRO A 271 -9.51 -8.78 -15.81
N HIS A 272 -9.30 -7.64 -15.14
CA HIS A 272 -8.52 -6.57 -15.75
C HIS A 272 -7.03 -6.93 -15.89
N LEU A 273 -6.49 -7.58 -14.86
CA LEU A 273 -5.05 -7.81 -14.77
C LEU A 273 -4.56 -8.96 -15.64
N TRP A 274 -5.38 -9.99 -15.78
CA TRP A 274 -4.94 -11.24 -16.40
C TRP A 274 -5.79 -11.61 -17.59
N GLU A 275 -5.13 -11.81 -18.74
CA GLU A 275 -5.83 -12.00 -20.01
C GLU A 275 -6.25 -13.45 -20.29
N GLY A 276 -5.99 -14.35 -19.36
CA GLY A 276 -6.40 -15.73 -19.53
C GLY A 276 -7.90 -15.94 -19.34
N ASP A 277 -8.31 -17.20 -19.42
CA ASP A 277 -9.70 -17.57 -19.26
C ASP A 277 -10.13 -17.51 -17.79
N ILE A 278 -10.89 -16.48 -17.43
CA ILE A 278 -11.32 -16.30 -16.04
C ILE A 278 -12.17 -17.49 -15.55
N SER A 279 -12.85 -18.17 -16.47
CA SER A 279 -13.72 -19.29 -16.10
C SER A 279 -12.95 -20.59 -15.83
N SER A 280 -11.68 -20.64 -16.23
CA SER A 280 -10.83 -21.80 -15.96
C SER A 280 -10.60 -21.99 -14.46
N ASP A 281 -10.15 -23.17 -14.06
CA ASP A 281 -9.90 -23.41 -12.64
C ASP A 281 -8.87 -22.43 -12.09
N ILE A 282 -7.81 -22.18 -12.83
CA ILE A 282 -6.78 -21.27 -12.31
C ILE A 282 -7.30 -19.83 -12.32
N GLY A 283 -8.07 -19.48 -13.35
CA GLY A 283 -8.69 -18.15 -13.40
C GLY A 283 -9.58 -17.91 -12.19
N GLN A 284 -10.40 -18.90 -11.86
CA GLN A 284 -11.28 -18.81 -10.71
C GLN A 284 -10.52 -18.74 -9.39
N ALA A 285 -9.42 -19.48 -9.29
CA ALA A 285 -8.64 -19.46 -8.07
C ALA A 285 -8.02 -18.08 -7.83
N MET A 286 -7.55 -17.43 -8.89
CA MET A 286 -7.03 -16.06 -8.75
C MET A 286 -8.16 -15.04 -8.50
N LEU A 287 -9.26 -15.16 -9.24
CA LEU A 287 -10.41 -14.28 -9.02
C LEU A 287 -10.84 -14.27 -7.55
N ASN A 288 -10.84 -15.46 -6.96
CA ASN A 288 -11.37 -15.65 -5.62
C ASN A 288 -10.30 -15.78 -4.53
N CYS A 289 -9.04 -15.49 -4.88
CA CYS A 289 -7.93 -15.52 -3.93
C CYS A 289 -7.91 -16.83 -3.13
N ASP A 290 -7.96 -17.94 -3.86
CA ASP A 290 -8.18 -19.26 -3.28
C ASP A 290 -6.84 -19.93 -2.98
N PRO A 291 -6.53 -20.12 -1.68
CA PRO A 291 -5.24 -20.69 -1.30
C PRO A 291 -5.14 -22.18 -1.63
N LYS A 292 -6.25 -22.78 -2.04
CA LYS A 292 -6.29 -24.21 -2.38
C LYS A 292 -6.09 -24.45 -3.87
N GLY A 293 -6.08 -23.39 -4.67
CA GLY A 293 -5.88 -23.53 -6.10
C GLY A 293 -4.41 -23.75 -6.41
N LYS A 294 -4.08 -23.87 -7.70
CA LYS A 294 -2.69 -23.92 -8.12
C LYS A 294 -2.03 -22.58 -7.78
N MET A 295 -0.76 -22.62 -7.40
CA MET A 295 -0.05 -21.41 -6.99
C MET A 295 0.29 -20.54 -8.20
N VAL A 296 -0.13 -19.27 -8.15
CA VAL A 296 0.31 -18.30 -9.13
C VAL A 296 0.81 -17.09 -8.36
N MET A 297 2.02 -16.66 -8.71
CA MET A 297 2.55 -15.43 -8.14
C MET A 297 3.18 -14.58 -9.24
N VAL A 298 3.24 -13.28 -9.00
CA VAL A 298 3.96 -12.41 -9.92
C VAL A 298 5.09 -11.72 -9.17
N VAL A 299 6.27 -11.76 -9.75
CA VAL A 299 7.43 -11.11 -9.19
C VAL A 299 7.34 -9.60 -9.38
N THR A 300 7.52 -8.85 -8.30
CA THR A 300 7.48 -7.39 -8.34
C THR A 300 8.87 -6.76 -8.36
N LYS A 301 9.85 -7.44 -7.77
CA LYS A 301 11.18 -6.90 -7.62
C LYS A 301 12.18 -8.00 -7.28
N ILE A 302 13.39 -7.89 -7.81
CA ILE A 302 14.43 -8.86 -7.47
C ILE A 302 15.64 -8.09 -7.00
N ILE A 303 16.21 -8.49 -5.87
CA ILE A 303 17.46 -7.92 -5.43
C ILE A 303 18.47 -9.04 -5.21
N ILE A 304 19.74 -8.71 -5.30
CA ILE A 304 20.77 -9.71 -5.03
C ILE A 304 21.34 -9.43 -3.66
N ASP A 305 21.16 -10.39 -2.76
CA ASP A 305 21.68 -10.28 -1.41
C ASP A 305 22.99 -11.04 -1.34
N LYS A 306 24.00 -10.48 -0.67
CA LYS A 306 25.33 -11.08 -0.64
C LYS A 306 25.31 -12.46 -0.01
N HIS A 307 24.40 -12.63 0.96
CA HIS A 307 24.32 -13.87 1.74
C HIS A 307 23.27 -14.84 1.21
N ALA A 308 22.10 -14.32 0.82
CA ALA A 308 20.99 -15.16 0.40
C ALA A 308 20.96 -15.43 -1.10
N GLY A 309 21.65 -14.61 -1.87
CA GLY A 309 21.58 -14.69 -3.32
C GLY A 309 20.38 -13.89 -3.83
N GLU A 310 19.84 -14.31 -4.98
CA GLU A 310 18.70 -13.63 -5.57
C GLU A 310 17.47 -13.77 -4.69
N VAL A 311 16.86 -12.65 -4.33
CA VAL A 311 15.65 -12.65 -3.54
C VAL A 311 14.54 -11.98 -4.36
N ALA A 312 13.53 -12.77 -4.72
CA ALA A 312 12.44 -12.27 -5.54
C ALA A 312 11.24 -11.99 -4.67
N THR A 313 10.83 -10.73 -4.63
CA THR A 313 9.61 -10.33 -3.95
C THR A 313 8.46 -10.49 -4.93
N GLY A 314 7.31 -10.92 -4.44
CA GLY A 314 6.20 -11.13 -5.33
C GLY A 314 4.89 -11.23 -4.61
N ARG A 315 3.80 -11.22 -5.36
CA ARG A 315 2.47 -11.33 -4.77
C ARG A 315 1.86 -12.66 -5.13
N VAL A 316 1.33 -13.37 -4.14
CA VAL A 316 0.68 -14.67 -4.40
C VAL A 316 -0.81 -14.46 -4.68
N TRP A 317 -1.20 -14.68 -5.94
CA TRP A 317 -2.56 -14.40 -6.38
C TRP A 317 -3.50 -15.56 -6.05
N SER A 318 -2.96 -16.77 -6.11
CA SER A 318 -3.74 -17.97 -5.85
C SER A 318 -2.84 -19.04 -5.27
N GLY A 319 -3.45 -20.03 -4.65
CA GLY A 319 -2.73 -21.16 -4.09
C GLY A 319 -1.88 -20.82 -2.90
N THR A 320 -0.91 -21.69 -2.62
CA THR A 320 -0.04 -21.53 -1.47
C THR A 320 1.39 -21.77 -1.94
N VAL A 321 2.28 -20.82 -1.63
CA VAL A 321 3.67 -20.95 -2.04
C VAL A 321 4.47 -21.59 -0.91
N LYS A 322 5.37 -22.50 -1.28
CA LYS A 322 6.05 -23.32 -0.29
C LYS A 322 7.53 -23.43 -0.57
N SER A 323 8.33 -23.57 0.47
CA SER A 323 9.73 -23.86 0.28
C SER A 323 9.82 -25.18 -0.47
N GLY A 324 10.68 -25.25 -1.47
CA GLY A 324 10.89 -26.49 -2.21
C GLY A 324 9.90 -26.74 -3.33
N GLN A 325 9.02 -25.77 -3.60
CA GLN A 325 7.96 -25.94 -4.57
C GLN A 325 8.39 -25.84 -6.04
N GLU A 326 8.04 -26.83 -6.83
N GLU A 326 8.00 -26.84 -6.82
CA GLU A 326 8.34 -26.79 -8.26
CA GLU A 326 8.18 -26.84 -8.28
C GLU A 326 7.37 -25.85 -9.00
C GLU A 326 7.33 -25.77 -8.94
N VAL A 327 7.95 -24.93 -9.76
CA VAL A 327 7.20 -23.92 -10.49
C VAL A 327 7.69 -23.74 -11.92
N TYR A 328 6.84 -23.14 -12.76
CA TYR A 328 7.23 -22.68 -14.08
C TYR A 328 7.50 -21.18 -14.07
N LEU A 329 8.62 -20.77 -14.63
CA LEU A 329 8.84 -19.35 -14.92
C LEU A 329 8.26 -19.11 -16.31
N ILE A 330 7.07 -18.50 -16.36
CA ILE A 330 6.32 -18.42 -17.61
C ILE A 330 6.98 -17.56 -18.69
N ASN A 331 7.51 -16.40 -18.30
CA ASN A 331 8.12 -15.50 -19.25
C ASN A 331 9.52 -15.95 -19.66
N THR A 332 10.24 -16.52 -18.71
CA THR A 332 11.61 -16.99 -18.93
C THR A 332 11.60 -18.38 -19.59
N LYS A 333 10.46 -19.07 -19.47
CA LYS A 333 10.24 -20.38 -20.09
C LYS A 333 11.17 -21.47 -19.52
N ARG A 334 11.22 -21.57 -18.20
N ARG A 334 11.23 -21.56 -18.20
CA ARG A 334 12.00 -22.60 -17.53
CA ARG A 334 11.99 -22.62 -17.55
C ARG A 334 11.24 -23.19 -16.35
C ARG A 334 11.22 -23.20 -16.37
N LYS A 335 11.47 -24.48 -16.09
CA LYS A 335 10.97 -25.09 -14.87
C LYS A 335 11.95 -24.69 -13.77
N ALA A 336 11.46 -24.52 -12.56
CA ALA A 336 12.32 -24.12 -11.46
C ALA A 336 11.77 -24.64 -10.16
N ARG A 337 12.55 -24.47 -9.10
CA ARG A 337 12.10 -24.88 -7.78
C ARG A 337 12.43 -23.78 -6.80
N ILE A 338 11.40 -23.28 -6.13
CA ILE A 338 11.60 -22.31 -5.07
C ILE A 338 12.41 -22.97 -3.97
N GLN A 339 13.42 -22.26 -3.46
N GLN A 339 13.39 -22.25 -3.43
CA GLN A 339 14.17 -22.77 -2.34
CA GLN A 339 14.17 -22.77 -2.33
C GLN A 339 13.50 -22.33 -1.04
C GLN A 339 13.57 -22.36 -0.99
N GLN A 340 13.77 -21.11 -0.59
CA GLN A 340 13.21 -20.64 0.68
C GLN A 340 12.12 -19.60 0.47
N VAL A 341 11.01 -19.75 1.18
CA VAL A 341 9.95 -18.74 1.18
C VAL A 341 10.07 -17.84 2.40
N GLY A 342 9.82 -16.55 2.22
CA GLY A 342 9.83 -15.62 3.33
C GLY A 342 8.67 -14.63 3.23
N ILE A 343 8.40 -13.96 4.34
CA ILE A 343 7.37 -12.93 4.39
C ILE A 343 7.96 -11.73 5.11
N TYR A 344 7.40 -10.53 4.92
CA TYR A 344 8.00 -9.34 5.50
C TYR A 344 7.42 -8.99 6.86
N MET A 345 8.32 -8.69 7.79
CA MET A 345 7.99 -8.14 9.09
C MET A 345 8.66 -6.78 9.19
N GLY A 346 7.89 -5.72 9.01
CA GLY A 346 8.50 -4.43 8.72
C GLY A 346 9.33 -4.61 7.46
N PRO A 347 10.57 -4.10 7.46
CA PRO A 347 11.44 -4.22 6.29
C PRO A 347 12.15 -5.58 6.19
N GLU A 348 12.06 -6.37 7.25
CA GLU A 348 12.82 -7.62 7.37
C GLU A 348 12.14 -8.84 6.78
N ARG A 349 12.89 -9.63 6.02
N ARG A 349 12.89 -9.64 6.02
CA ARG A 349 12.39 -10.93 5.55
CA ARG A 349 12.39 -10.93 5.55
C ARG A 349 12.56 -11.98 6.64
C ARG A 349 12.56 -12.00 6.62
N ILE A 350 11.47 -12.68 6.96
CA ILE A 350 11.55 -13.79 7.90
C ILE A 350 11.07 -15.06 7.19
N ASN A 351 11.77 -16.17 7.45
CA ASN A 351 11.43 -17.43 6.81
C ASN A 351 10.03 -17.91 7.18
N MET A 352 9.33 -18.44 6.18
CA MET A 352 8.02 -19.10 6.33
C MET A 352 7.99 -20.23 5.35
N GLU A 353 7.56 -21.42 5.78
CA GLU A 353 7.61 -22.57 4.89
C GLU A 353 6.44 -22.65 3.91
N ALA A 354 5.33 -22.00 4.26
CA ALA A 354 4.13 -21.96 3.42
C ALA A 354 3.40 -20.65 3.64
N VAL A 355 3.05 -19.99 2.54
CA VAL A 355 2.33 -18.72 2.63
C VAL A 355 1.20 -18.70 1.63
N PRO A 356 -0.04 -18.47 2.10
CA PRO A 356 -1.20 -18.57 1.21
C PRO A 356 -1.44 -17.30 0.39
N ALA A 357 -2.28 -17.45 -0.62
CA ALA A 357 -2.71 -16.36 -1.49
C ALA A 357 -3.17 -15.13 -0.69
N GLY A 358 -2.85 -13.95 -1.20
CA GLY A 358 -3.20 -12.70 -0.56
C GLY A 358 -1.97 -11.96 -0.07
N ASN A 359 -0.90 -12.72 0.18
CA ASN A 359 0.31 -12.19 0.76
C ASN A 359 1.38 -11.76 -0.21
N ILE A 360 2.28 -10.92 0.30
CA ILE A 360 3.50 -10.55 -0.37
C ILE A 360 4.60 -11.41 0.20
N VAL A 361 5.34 -12.09 -0.68
CA VAL A 361 6.40 -12.98 -0.22
C VAL A 361 7.75 -12.59 -0.80
N ALA A 362 8.80 -13.17 -0.23
CA ALA A 362 10.13 -13.05 -0.82
C ALA A 362 10.67 -14.46 -0.92
N VAL A 363 11.11 -14.86 -2.11
CA VAL A 363 11.56 -16.24 -2.29
C VAL A 363 12.95 -16.31 -2.92
N THR A 364 13.70 -17.33 -2.53
CA THR A 364 14.96 -17.63 -3.21
C THR A 364 14.79 -18.80 -4.15
N GLY A 365 15.78 -18.98 -5.01
CA GLY A 365 15.78 -20.10 -5.95
C GLY A 365 15.41 -19.76 -7.38
N LEU A 366 14.92 -18.54 -7.60
CA LEU A 366 14.45 -18.17 -8.93
C LEU A 366 15.40 -17.18 -9.61
N ARG A 367 16.69 -17.51 -9.66
CA ARG A 367 17.69 -16.57 -10.16
C ARG A 367 17.46 -16.10 -11.59
N ASP A 368 16.82 -16.94 -12.41
CA ASP A 368 16.62 -16.57 -13.80
C ASP A 368 15.40 -15.65 -14.00
N ALA A 369 14.58 -15.51 -12.96
CA ALA A 369 13.37 -14.72 -13.09
C ALA A 369 13.67 -13.24 -13.33
N MET A 370 12.75 -12.56 -14.01
CA MET A 370 12.87 -11.11 -14.16
C MET A 370 11.71 -10.42 -13.46
N ALA A 371 11.87 -9.12 -13.20
CA ALA A 371 10.78 -8.34 -12.63
C ALA A 371 9.57 -8.44 -13.54
N GLY A 372 8.43 -8.81 -12.97
CA GLY A 372 7.20 -8.96 -13.72
C GLY A 372 6.89 -10.40 -14.05
N GLU A 373 7.86 -11.29 -13.81
CA GLU A 373 7.71 -12.71 -14.10
C GLU A 373 6.46 -13.31 -13.48
N THR A 374 5.73 -14.09 -14.27
CA THR A 374 4.66 -14.91 -13.72
C THR A 374 5.24 -16.26 -13.36
N VAL A 375 5.05 -16.65 -12.10
CA VAL A 375 5.61 -17.90 -11.56
C VAL A 375 4.47 -18.79 -11.11
N ALA A 376 4.34 -19.97 -11.69
CA ALA A 376 3.10 -20.73 -11.50
C ALA A 376 3.34 -22.23 -11.49
N GLU A 377 2.47 -22.94 -10.80
CA GLU A 377 2.59 -24.39 -10.73
C GLU A 377 2.23 -25.07 -12.05
N GLU A 378 1.47 -24.36 -12.88
CA GLU A 378 1.12 -24.83 -14.21
C GLU A 378 1.49 -23.80 -15.27
N GLN A 379 1.58 -24.25 -16.52
CA GLN A 379 1.86 -23.34 -17.61
C GLN A 379 0.59 -22.58 -17.96
N ILE A 380 0.59 -21.29 -17.63
CA ILE A 380 -0.57 -20.44 -17.86
C ILE A 380 -0.16 -19.22 -18.65
N GLU A 381 -1.15 -18.44 -19.08
CA GLU A 381 -0.90 -17.13 -19.65
C GLU A 381 -0.19 -16.26 -18.62
N PRO A 382 0.88 -15.55 -19.03
CA PRO A 382 1.55 -14.63 -18.09
C PRO A 382 0.75 -13.34 -17.87
N PHE A 383 0.96 -12.71 -16.72
CA PHE A 383 0.37 -11.40 -16.44
C PHE A 383 0.94 -10.34 -17.37
N GLU A 384 2.20 -10.53 -17.77
CA GLU A 384 2.90 -9.60 -18.67
C GLU A 384 3.48 -10.31 -19.87
N ALA A 385 3.48 -9.63 -21.01
CA ALA A 385 4.30 -10.05 -22.13
C ALA A 385 5.73 -9.59 -21.85
N LEU A 386 6.64 -10.54 -21.67
CA LEU A 386 7.98 -10.21 -21.21
C LEU A 386 9.05 -10.97 -21.98
PB GDP B . 8.58 12.81 -1.79
O1B GDP B . 7.13 12.93 -2.18
O2B GDP B . 9.45 13.34 -2.91
O3B GDP B . 9.00 11.41 -1.40
O3A GDP B . 8.72 13.87 -0.58
PA GDP B . 9.61 13.69 0.73
O1A GDP B . 8.91 12.80 1.72
O2A GDP B . 11.02 13.29 0.40
O5' GDP B . 9.57 15.17 1.30
C5' GDP B . 10.02 16.26 0.48
C4' GDP B . 10.43 17.39 1.41
O4' GDP B . 9.25 17.85 2.09
C3' GDP B . 11.41 16.96 2.49
O3' GDP B . 12.28 18.07 2.78
C2' GDP B . 10.53 16.69 3.69
O2' GDP B . 11.19 16.80 4.94
C1' GDP B . 9.45 17.73 3.48
N9 GDP B . 8.22 17.28 4.13
C8 GDP B . 7.65 16.06 4.07
N7 GDP B . 6.53 16.03 4.81
C5 GDP B . 6.39 17.26 5.38
C6 GDP B . 5.42 17.92 6.27
O6 GDP B . 4.44 17.31 6.74
N1 GDP B . 5.66 19.20 6.60
C2 GDP B . 6.71 19.90 6.12
N2 GDP B . 6.86 21.19 6.51
N3 GDP B . 7.64 19.36 5.30
C4 GDP B . 7.51 18.07 4.91
#